data_5R4P
#
_entry.id   5R4P
#
_cell.length_a   59.680
_cell.length_b   59.680
_cell.length_c   214.530
_cell.angle_alpha   90.000
_cell.angle_beta   90.000
_cell.angle_gamma   120.000
#
_symmetry.space_group_name_H-M   'P 32 2 1'
#
loop_
_entity.id
_entity.type
_entity.pdbx_description
1 polymer 'Cleavage and polyadenylation specificity factor subunit 5'
2 non-polymer 'ZINC ION'
3 non-polymer 'ACETATE ION'
4 non-polymer (5S)-5-methyl-5-[(1-phenyl-1H-1,2,3-triazol-4-yl)methyl]pyrrolidine-2,4-dione
5 water water
#
_entity_poly.entity_id   1
_entity_poly.type   'polypeptide(L)'
_entity_poly.pdbx_seq_one_letter_code
;SMLERTINLYPLTNYTFGTKEPLYEKDSSVAARFQRMREEFDKIGMRRTVEGVLIVHEHRLPHVLLLQLGTTFFKLPGGE
LNPGEDEVEGLKRLMTEILGRQDGVLQDWVIDDCIGNWWRPNFEPPQYPYIPAHITKPKEHKKLFLVQLQEKALFAVPKN
YKLVAAPLFELYDNAPGYGPIISSLPQLLSRFNFIYN
;
_entity_poly.pdbx_strand_id   A,B
#
loop_
_chem_comp.id
_chem_comp.type
_chem_comp.name
_chem_comp.formula
ACT non-polymer 'ACETATE ION' 'C2 H3 O2 -1'
RVY non-polymer (5S)-5-methyl-5-[(1-phenyl-1H-1,2,3-triazol-4-yl)methyl]pyrrolidine-2,4-dione 'C14 H14 N4 O2'
ZN non-polymer 'ZINC ION' 'Zn 2'
#
# COMPACT_ATOMS: atom_id res chain seq x y z
N SER A 1 6.75 -29.09 -37.93
CA SER A 1 7.81 -28.06 -37.71
C SER A 1 7.23 -26.77 -37.12
N MET A 2 5.89 -26.64 -37.03
CA MET A 2 5.21 -25.54 -36.30
C MET A 2 5.28 -25.84 -34.79
N LEU A 3 6.41 -25.43 -34.17
CA LEU A 3 6.72 -25.57 -32.72
C LEU A 3 6.48 -24.24 -31.98
N GLU A 4 6.29 -23.14 -32.72
CA GLU A 4 6.06 -21.79 -32.17
C GLU A 4 4.66 -21.69 -31.53
N ARG A 5 4.59 -20.96 -30.44
CA ARG A 5 3.33 -20.45 -29.84
C ARG A 5 2.74 -19.34 -30.71
N THR A 6 1.46 -19.44 -31.02
CA THR A 6 0.71 -18.43 -31.82
C THR A 6 0.04 -17.42 -30.86
N ILE A 7 0.23 -16.13 -31.11
CA ILE A 7 -0.27 -15.02 -30.23
C ILE A 7 -1.04 -14.00 -31.06
N ASN A 8 -2.28 -13.72 -30.70
CA ASN A 8 -3.09 -12.67 -31.37
C ASN A 8 -2.67 -11.27 -30.92
N LEU A 9 -2.31 -10.39 -31.85
CA LEU A 9 -2.11 -8.93 -31.61
C LEU A 9 -3.23 -8.12 -32.24
N TYR A 10 -3.59 -6.99 -31.62
CA TYR A 10 -4.67 -6.07 -32.08
C TYR A 10 -4.12 -4.66 -32.23
N PRO A 11 -4.71 -3.81 -33.09
CA PRO A 11 -4.23 -2.44 -33.24
C PRO A 11 -4.28 -1.67 -31.91
N LEU A 12 -3.28 -0.82 -31.66
CA LEU A 12 -3.21 0.11 -30.51
C LEU A 12 -4.49 0.98 -30.42
N THR A 13 -5.10 1.36 -31.55
CA THR A 13 -6.37 2.14 -31.58
C THR A 13 -7.54 1.30 -31.07
N ASN A 14 -7.41 -0.02 -30.95
CA ASN A 14 -8.45 -0.85 -30.31
C ASN A 14 -8.52 -0.59 -28.79
N TYR A 15 -7.52 0.05 -28.18
CA TYR A 15 -7.45 0.13 -26.70
C TYR A 15 -7.72 1.58 -26.29
N THR A 16 -8.50 1.79 -25.23
CA THR A 16 -8.77 3.13 -24.66
C THR A 16 -7.92 3.31 -23.39
N PHE A 17 -7.15 4.39 -23.30
CA PHE A 17 -6.32 4.73 -22.12
C PHE A 17 -6.97 5.91 -21.36
N GLY A 18 -7.72 5.59 -20.31
CA GLY A 18 -8.23 6.59 -19.34
C GLY A 18 -7.18 6.94 -18.31
N THR A 19 -7.54 7.77 -17.32
CA THR A 19 -6.67 8.24 -16.22
C THR A 19 -7.33 7.94 -14.87
N LYS A 20 -6.51 7.83 -13.82
CA LYS A 20 -6.97 7.70 -12.41
C LYS A 20 -5.92 8.31 -11.49
N GLU A 21 -6.12 8.21 -10.17
CA GLU A 21 -5.24 8.90 -9.18
C GLU A 21 -3.80 8.41 -9.29
N PRO A 22 -2.79 9.21 -8.86
CA PRO A 22 -1.41 8.75 -8.90
C PRO A 22 -1.27 7.47 -8.06
N LEU A 23 -0.32 6.62 -8.43
CA LEU A 23 0.06 5.42 -7.67
C LEU A 23 1.53 5.61 -7.29
N TYR A 24 1.79 5.90 -6.02
CA TYR A 24 3.13 6.31 -5.54
C TYR A 24 3.97 5.07 -5.23
N GLU A 25 5.27 5.13 -5.54
CA GLU A 25 6.27 4.09 -5.22
C GLU A 25 6.39 3.96 -3.70
N LYS A 26 6.67 2.76 -3.18
CA LYS A 26 6.94 2.56 -1.73
C LYS A 26 8.21 3.33 -1.35
N ASP A 27 9.20 3.29 -2.23
CA ASP A 27 10.58 3.78 -1.96
C ASP A 27 10.75 5.14 -2.64
N SER A 28 11.13 6.17 -1.87
CA SER A 28 11.29 7.56 -2.38
C SER A 28 12.71 7.79 -2.96
N SER A 29 13.59 6.79 -2.96
CA SER A 29 14.97 6.87 -3.53
C SER A 29 15.55 5.47 -3.73
N VAL A 30 16.62 5.37 -4.53
CA VAL A 30 17.43 4.12 -4.68
C VAL A 30 17.90 3.68 -3.28
N ALA A 31 18.40 4.60 -2.47
CA ALA A 31 18.98 4.22 -1.16
C ALA A 31 17.87 3.60 -0.28
N ALA A 32 16.67 4.21 -0.19
CA ALA A 32 15.52 3.64 0.55
C ALA A 32 15.12 2.29 -0.05
N ARG A 33 15.17 2.16 -1.39
CA ARG A 33 14.81 0.90 -2.09
C ARG A 33 15.68 -0.24 -1.58
N PHE A 34 17.01 -0.06 -1.59
CA PHE A 34 17.90 -1.14 -1.13
C PHE A 34 17.84 -1.34 0.40
N GLN A 35 17.56 -0.30 1.20
CA GLN A 35 17.35 -0.44 2.67
C GLN A 35 16.13 -1.35 2.90
N ARG A 36 15.00 -1.07 2.26
CA ARG A 36 13.80 -1.92 2.45
C ARG A 36 14.10 -3.35 1.98
N MET A 37 14.78 -3.55 0.84
CA MET A 37 15.11 -4.92 0.35
C MET A 37 15.90 -5.72 1.41
N ARG A 38 16.85 -5.05 2.09
N ARG A 38 16.87 -5.07 2.07
CA ARG A 38 17.70 -5.66 3.14
CA ARG A 38 17.69 -5.66 3.17
C ARG A 38 16.86 -6.00 4.38
C ARG A 38 16.80 -6.02 4.34
N GLU A 39 15.95 -5.09 4.77
CA GLU A 39 15.09 -5.30 5.98
C GLU A 39 14.17 -6.51 5.74
N GLU A 40 13.53 -6.56 4.56
CA GLU A 40 12.57 -7.65 4.24
C GLU A 40 13.35 -8.97 4.02
N PHE A 41 14.55 -8.93 3.43
CA PHE A 41 15.32 -10.18 3.23
C PHE A 41 15.56 -10.86 4.59
N ASP A 42 15.93 -10.07 5.62
CA ASP A 42 16.21 -10.64 6.96
C ASP A 42 14.93 -11.23 7.58
N LYS A 43 13.74 -10.76 7.20
CA LYS A 43 12.46 -11.23 7.78
C LYS A 43 11.93 -12.44 6.99
N ILE A 44 11.89 -12.36 5.66
CA ILE A 44 11.07 -13.30 4.83
C ILE A 44 11.87 -13.78 3.62
N GLY A 45 13.17 -13.53 3.58
CA GLY A 45 14.09 -14.05 2.54
C GLY A 45 13.87 -13.39 1.18
N MET A 46 14.25 -14.11 0.14
CA MET A 46 14.44 -13.59 -1.25
C MET A 46 13.15 -12.88 -1.71
N ARG A 47 13.28 -11.65 -2.22
CA ARG A 47 12.17 -10.97 -2.92
C ARG A 47 11.80 -11.75 -4.21
N ARG A 48 10.50 -11.96 -4.41
CA ARG A 48 9.90 -12.54 -5.64
C ARG A 48 9.09 -11.44 -6.34
N THR A 49 9.54 -11.01 -7.53
N THR A 49 9.50 -11.12 -7.57
CA THR A 49 8.84 -10.04 -8.39
CA THR A 49 8.92 -10.04 -8.42
C THR A 49 8.33 -10.71 -9.66
C THR A 49 8.41 -10.64 -9.74
N VAL A 50 7.24 -10.17 -10.21
CA VAL A 50 6.62 -10.65 -11.47
C VAL A 50 6.33 -9.43 -12.36
N GLU A 51 6.47 -9.60 -13.67
CA GLU A 51 6.32 -8.49 -14.66
C GLU A 51 5.59 -9.01 -15.88
N GLY A 52 4.70 -8.19 -16.43
CA GLY A 52 3.88 -8.56 -17.59
C GLY A 52 4.31 -7.81 -18.84
N VAL A 53 4.43 -8.56 -19.94
CA VAL A 53 4.67 -8.04 -21.31
C VAL A 53 3.38 -8.07 -22.11
N LEU A 54 2.90 -6.87 -22.45
CA LEU A 54 1.63 -6.60 -23.15
C LEU A 54 1.98 -6.05 -24.55
N ILE A 55 1.57 -6.76 -25.59
CA ILE A 55 1.95 -6.39 -26.96
C ILE A 55 0.71 -5.95 -27.73
N VAL A 56 0.89 -4.93 -28.55
CA VAL A 56 -0.12 -4.50 -29.56
C VAL A 56 0.58 -4.39 -30.93
N HIS A 57 -0.15 -3.98 -31.96
CA HIS A 57 0.52 -3.53 -33.21
C HIS A 57 -0.07 -2.23 -33.76
N GLU A 58 0.70 -1.56 -34.62
N GLU A 58 0.68 -1.51 -34.60
CA GLU A 58 0.26 -0.48 -35.56
CA GLU A 58 0.06 -0.59 -35.59
C GLU A 58 0.73 -0.85 -36.98
C GLU A 58 0.68 -0.84 -36.96
N HIS A 59 -0.20 -1.06 -37.93
CA HIS A 59 0.14 -1.35 -39.35
C HIS A 59 1.09 -2.56 -39.38
N ARG A 60 0.87 -3.56 -38.51
CA ARG A 60 1.57 -4.87 -38.51
C ARG A 60 2.96 -4.79 -37.88
N LEU A 61 3.29 -3.71 -37.19
CA LEU A 61 4.56 -3.56 -36.44
C LEU A 61 4.30 -3.72 -34.95
N PRO A 62 4.86 -4.78 -34.31
CA PRO A 62 4.59 -5.00 -32.88
C PRO A 62 5.24 -3.91 -32.02
N HIS A 63 4.55 -3.56 -30.92
CA HIS A 63 4.99 -2.58 -29.88
C HIS A 63 4.70 -3.17 -28.48
N VAL A 64 5.61 -2.97 -27.54
CA VAL A 64 5.47 -3.39 -26.12
C VAL A 64 4.92 -2.18 -25.36
N LEU A 65 3.87 -2.36 -24.55
CA LEU A 65 3.38 -1.26 -23.67
C LEU A 65 4.32 -1.12 -22.46
N LEU A 66 4.89 0.09 -22.28
CA LEU A 66 5.75 0.42 -21.13
C LEU A 66 5.10 1.55 -20.32
N LEU A 67 5.34 1.59 -19.02
CA LEU A 67 4.84 2.69 -18.14
C LEU A 67 6.02 3.56 -17.71
N GLN A 68 5.96 4.85 -18.08
CA GLN A 68 7.04 5.83 -17.83
C GLN A 68 6.63 6.64 -16.60
N LEU A 69 7.46 6.59 -15.56
CA LEU A 69 7.27 7.40 -14.33
C LEU A 69 7.64 8.85 -14.66
N GLY A 70 6.63 9.70 -14.89
CA GLY A 70 6.80 11.04 -15.48
C GLY A 70 7.57 10.96 -16.77
N THR A 71 8.80 11.49 -16.77
CA THR A 71 9.71 11.49 -17.95
C THR A 71 11.03 10.81 -17.58
N THR A 72 11.03 10.00 -16.51
CA THR A 72 12.22 9.24 -16.01
C THR A 72 12.14 7.78 -16.49
N PHE A 73 12.20 6.81 -15.57
CA PHE A 73 12.39 5.36 -15.86
C PHE A 73 11.19 4.76 -16.59
N PHE A 74 11.48 3.80 -17.49
CA PHE A 74 10.50 2.92 -18.13
C PHE A 74 10.42 1.64 -17.31
N LYS A 75 9.18 1.17 -17.10
CA LYS A 75 8.85 -0.02 -16.26
C LYS A 75 7.86 -0.93 -17.00
N LEU A 76 7.94 -2.24 -16.75
CA LEU A 76 6.86 -3.17 -17.10
C LEU A 76 5.83 -3.09 -15.99
N PRO A 77 4.54 -3.24 -16.28
CA PRO A 77 3.55 -3.46 -15.23
C PRO A 77 3.86 -4.71 -14.41
N GLY A 78 3.90 -4.59 -13.08
CA GLY A 78 4.20 -5.75 -12.22
C GLY A 78 4.56 -5.32 -10.82
N GLY A 79 5.21 -6.19 -10.06
CA GLY A 79 5.71 -5.79 -8.73
C GLY A 79 5.96 -6.97 -7.82
N GLU A 80 5.87 -6.74 -6.50
CA GLU A 80 6.34 -7.74 -5.49
C GLU A 80 5.18 -8.67 -5.09
N LEU A 81 5.44 -9.97 -5.06
CA LEU A 81 4.53 -10.99 -4.48
C LEU A 81 4.57 -10.89 -2.94
N ASN A 82 3.44 -11.20 -2.30
CA ASN A 82 3.40 -11.51 -0.84
C ASN A 82 3.92 -12.92 -0.60
N PRO A 83 4.45 -13.20 0.63
CA PRO A 83 4.88 -14.56 0.95
C PRO A 83 3.68 -15.53 0.81
N GLY A 84 3.95 -16.67 0.18
CA GLY A 84 2.97 -17.74 -0.10
C GLY A 84 2.06 -17.45 -1.29
N GLU A 85 2.18 -16.30 -1.96
CA GLU A 85 1.27 -15.92 -3.07
C GLU A 85 1.72 -16.59 -4.39
N ASP A 86 0.77 -17.20 -5.10
CA ASP A 86 0.93 -17.80 -6.46
C ASP A 86 1.44 -16.73 -7.43
N GLU A 87 2.35 -17.08 -8.35
CA GLU A 87 2.97 -16.08 -9.27
C GLU A 87 1.95 -15.48 -10.23
N VAL A 88 1.11 -16.32 -10.83
CA VAL A 88 0.12 -15.87 -11.85
C VAL A 88 -0.99 -15.07 -11.16
N GLU A 89 -1.54 -15.56 -10.06
CA GLU A 89 -2.60 -14.79 -9.33
C GLU A 89 -1.99 -13.45 -8.91
N GLY A 90 -0.73 -13.44 -8.48
CA GLY A 90 -0.07 -12.19 -8.05
C GLY A 90 0.14 -11.22 -9.20
N LEU A 91 0.59 -11.68 -10.36
CA LEU A 91 0.76 -10.74 -11.52
C LEU A 91 -0.63 -10.17 -11.91
N LYS A 92 -1.68 -10.99 -11.92
CA LYS A 92 -3.04 -10.50 -12.22
C LYS A 92 -3.48 -9.45 -11.20
N ARG A 93 -3.21 -9.68 -9.92
CA ARG A 93 -3.54 -8.67 -8.87
C ARG A 93 -2.81 -7.37 -9.15
N LEU A 94 -1.50 -7.44 -9.41
CA LEU A 94 -0.65 -6.23 -9.59
C LEU A 94 -1.07 -5.44 -10.85
N MET A 95 -1.33 -6.14 -11.94
CA MET A 95 -1.80 -5.49 -13.19
C MET A 95 -3.18 -4.82 -12.99
N THR A 96 -4.06 -5.38 -12.17
CA THR A 96 -5.37 -4.73 -11.82
C THR A 96 -5.11 -3.45 -11.01
N GLU A 97 -4.28 -3.55 -9.97
CA GLU A 97 -3.87 -2.39 -9.13
C GLU A 97 -3.35 -1.26 -10.02
N ILE A 98 -2.49 -1.58 -11.01
CA ILE A 98 -1.86 -0.53 -11.86
C ILE A 98 -2.85 -0.04 -12.94
N LEU A 99 -3.40 -0.92 -13.79
CA LEU A 99 -4.18 -0.53 -15.00
C LEU A 99 -5.70 -0.81 -14.89
N GLY A 100 -6.17 -1.35 -13.76
CA GLY A 100 -7.60 -1.63 -13.48
C GLY A 100 -8.46 -0.38 -13.54
N ARG A 101 -9.73 -0.55 -13.90
CA ARG A 101 -10.68 0.55 -14.24
C ARG A 101 -11.30 1.27 -13.01
N GLN A 102 -11.47 2.59 -13.11
CA GLN A 102 -12.10 3.46 -12.08
C GLN A 102 -13.54 3.00 -11.81
N ASP A 103 -14.22 2.45 -12.83
CA ASP A 103 -15.62 1.96 -12.76
C ASP A 103 -15.67 0.56 -12.12
N GLY A 104 -14.54 -0.11 -11.91
CA GLY A 104 -14.46 -1.41 -11.18
C GLY A 104 -15.03 -2.60 -11.95
N VAL A 105 -14.77 -2.62 -13.25
CA VAL A 105 -15.11 -3.75 -14.17
C VAL A 105 -13.81 -4.55 -14.31
N LEU A 106 -13.88 -5.87 -14.24
CA LEU A 106 -12.67 -6.74 -14.27
C LEU A 106 -12.07 -6.91 -15.67
N GLN A 107 -10.75 -6.81 -15.77
CA GLN A 107 -10.13 -7.13 -17.07
C GLN A 107 -10.01 -8.65 -17.12
N ASP A 108 -9.96 -9.21 -18.32
CA ASP A 108 -9.80 -10.69 -18.32
C ASP A 108 -8.33 -10.90 -18.68
N TRP A 109 -7.45 -10.97 -17.69
CA TRP A 109 -6.02 -11.18 -18.00
C TRP A 109 -5.79 -12.65 -18.36
N VAL A 110 -5.12 -12.89 -19.47
CA VAL A 110 -4.76 -14.28 -19.92
C VAL A 110 -3.23 -14.34 -19.86
N ILE A 111 -2.69 -15.22 -19.02
CA ILE A 111 -1.23 -15.39 -18.87
C ILE A 111 -0.89 -16.86 -19.11
N ASP A 112 -0.26 -17.20 -20.24
CA ASP A 112 -0.04 -18.64 -20.58
C ASP A 112 1.45 -18.96 -20.81
N ASP A 113 2.37 -17.97 -20.80
CA ASP A 113 3.78 -18.20 -21.23
C ASP A 113 4.76 -17.46 -20.31
N CYS A 114 5.76 -18.17 -19.79
CA CYS A 114 6.95 -17.55 -19.13
C CYS A 114 7.92 -17.14 -20.23
N ILE A 115 8.43 -15.92 -20.21
CA ILE A 115 9.40 -15.54 -21.29
C ILE A 115 10.80 -15.31 -20.72
N GLY A 116 10.97 -15.25 -19.39
CA GLY A 116 12.32 -15.20 -18.81
C GLY A 116 12.38 -15.14 -17.30
N ASN A 117 13.61 -15.23 -16.77
CA ASN A 117 13.91 -15.21 -15.31
C ASN A 117 15.21 -14.37 -15.14
N TRP A 118 15.22 -13.43 -14.17
CA TRP A 118 16.42 -12.64 -13.81
C TRP A 118 16.65 -12.75 -12.29
N TRP A 119 17.91 -12.70 -11.88
CA TRP A 119 18.35 -12.85 -10.47
C TRP A 119 19.26 -11.69 -10.06
N ARG A 120 19.07 -11.16 -8.85
CA ARG A 120 19.88 -10.04 -8.28
C ARG A 120 20.73 -10.64 -7.16
N PRO A 121 22.07 -10.78 -7.35
CA PRO A 121 22.90 -11.45 -6.33
C PRO A 121 23.17 -10.66 -5.03
N ASN A 122 23.14 -9.32 -5.09
CA ASN A 122 23.42 -8.46 -3.91
C ASN A 122 22.32 -7.39 -3.76
N PHE A 123 22.43 -6.55 -2.72
CA PHE A 123 21.52 -5.39 -2.54
C PHE A 123 22.07 -4.23 -3.39
N GLU A 124 22.06 -4.39 -4.72
CA GLU A 124 22.74 -3.48 -5.66
C GLU A 124 22.01 -3.64 -7.00
N PRO A 125 22.18 -2.67 -7.91
CA PRO A 125 21.49 -2.73 -9.20
C PRO A 125 21.72 -3.95 -10.12
N PRO A 126 22.92 -4.58 -10.18
CA PRO A 126 23.13 -5.65 -11.16
C PRO A 126 22.16 -6.85 -11.09
N GLN A 127 21.63 -7.24 -12.25
CA GLN A 127 20.73 -8.42 -12.45
C GLN A 127 21.22 -9.27 -13.63
N TYR A 128 21.05 -10.60 -13.56
CA TYR A 128 21.57 -11.55 -14.58
C TYR A 128 20.48 -12.54 -14.98
N PRO A 129 20.53 -13.08 -16.20
CA PRO A 129 19.54 -14.11 -16.60
C PRO A 129 19.88 -15.53 -16.11
N TYR A 130 20.66 -15.66 -15.03
CA TYR A 130 21.12 -16.92 -14.38
C TYR A 130 21.58 -16.54 -12.96
N ILE A 131 21.75 -17.50 -12.05
CA ILE A 131 22.32 -17.23 -10.70
C ILE A 131 23.84 -17.23 -10.82
N PRO A 132 24.54 -16.11 -10.59
CA PRO A 132 26.00 -16.06 -10.79
C PRO A 132 26.79 -17.03 -9.89
N ALA A 133 28.05 -17.27 -10.27
CA ALA A 133 28.89 -18.31 -9.63
C ALA A 133 29.09 -17.91 -8.17
N HIS A 134 29.01 -18.89 -7.30
CA HIS A 134 29.32 -18.75 -5.85
C HIS A 134 28.12 -18.11 -5.11
N ILE A 135 27.03 -17.75 -5.80
CA ILE A 135 25.86 -17.09 -5.12
C ILE A 135 24.88 -18.18 -4.68
N THR A 136 24.73 -18.34 -3.36
CA THR A 136 23.86 -19.34 -2.72
C THR A 136 22.57 -18.65 -2.25
N LYS A 137 22.63 -17.34 -1.97
CA LYS A 137 21.45 -16.61 -1.43
C LYS A 137 21.19 -15.37 -2.29
N PRO A 138 20.55 -15.51 -3.47
CA PRO A 138 20.20 -14.33 -4.26
C PRO A 138 19.15 -13.51 -3.49
N LYS A 139 19.18 -12.19 -3.64
CA LYS A 139 18.32 -11.26 -2.87
C LYS A 139 16.97 -11.03 -3.59
N GLU A 140 16.92 -11.20 -4.92
CA GLU A 140 15.65 -11.06 -5.70
C GLU A 140 15.63 -12.04 -6.86
N HIS A 141 14.45 -12.61 -7.14
CA HIS A 141 14.11 -13.39 -8.35
C HIS A 141 12.93 -12.73 -9.07
N LYS A 142 13.14 -12.31 -10.33
CA LYS A 142 12.17 -11.62 -11.20
C LYS A 142 11.76 -12.58 -12.31
N LYS A 143 10.44 -12.77 -12.48
N LYS A 143 10.45 -12.79 -12.47
CA LYS A 143 9.84 -13.68 -13.49
CA LYS A 143 9.86 -13.69 -13.49
C LYS A 143 9.02 -12.85 -14.48
C LYS A 143 9.03 -12.85 -14.48
N LEU A 144 9.30 -12.98 -15.78
CA LEU A 144 8.56 -12.26 -16.85
C LEU A 144 7.56 -13.20 -17.51
N PHE A 145 6.35 -12.70 -17.76
CA PHE A 145 5.26 -13.43 -18.44
C PHE A 145 4.70 -12.59 -19.61
N LEU A 146 4.33 -13.28 -20.69
CA LEU A 146 3.61 -12.70 -21.85
C LEU A 146 2.12 -12.67 -21.50
N VAL A 147 1.49 -11.50 -21.58
CA VAL A 147 0.04 -11.32 -21.22
C VAL A 147 -0.72 -11.20 -22.54
N GLN A 148 -1.61 -12.14 -22.87
CA GLN A 148 -2.42 -12.07 -24.12
C GLN A 148 -3.59 -11.10 -23.90
N LEU A 149 -3.63 -9.98 -24.62
CA LEU A 149 -4.75 -8.99 -24.48
C LEU A 149 -5.98 -9.48 -25.25
N GLN A 150 -7.16 -9.01 -24.81
CA GLN A 150 -8.43 -9.18 -25.56
C GLN A 150 -8.40 -8.21 -26.76
N GLU A 151 -9.35 -8.37 -27.67
CA GLU A 151 -9.47 -7.53 -28.91
C GLU A 151 -9.62 -6.06 -28.54
N LYS A 152 -10.38 -5.73 -27.48
CA LYS A 152 -10.58 -4.35 -27.00
C LYS A 152 -10.55 -4.28 -25.47
N ALA A 153 -10.14 -3.13 -24.91
CA ALA A 153 -10.10 -2.93 -23.44
C ALA A 153 -9.95 -1.46 -23.11
N LEU A 154 -10.40 -1.08 -21.91
CA LEU A 154 -10.19 0.26 -21.33
C LEU A 154 -9.22 0.07 -20.16
N PHE A 155 -8.11 0.77 -20.18
CA PHE A 155 -7.11 0.76 -19.08
C PHE A 155 -7.11 2.15 -18.43
N ALA A 156 -7.01 2.21 -17.11
CA ALA A 156 -6.88 3.48 -16.37
C ALA A 156 -5.43 3.62 -15.95
N VAL A 157 -4.75 4.63 -16.49
CA VAL A 157 -3.31 4.87 -16.20
C VAL A 157 -3.20 5.87 -15.07
N PRO A 158 -2.52 5.53 -13.96
CA PRO A 158 -2.24 6.52 -12.92
C PRO A 158 -1.62 7.79 -13.49
N LYS A 159 -2.13 8.95 -13.05
CA LYS A 159 -1.81 10.33 -13.54
C LYS A 159 -0.31 10.60 -13.46
N ASN A 160 0.43 9.96 -12.53
CA ASN A 160 1.91 10.12 -12.41
C ASN A 160 2.71 9.31 -13.46
N TYR A 161 2.04 8.46 -14.25
CA TYR A 161 2.66 7.59 -15.29
C TYR A 161 2.09 7.96 -16.67
N LYS A 162 2.87 7.69 -17.73
CA LYS A 162 2.40 7.73 -19.15
C LYS A 162 2.57 6.32 -19.73
N LEU A 163 1.52 5.79 -20.36
CA LEU A 163 1.54 4.52 -21.14
C LEU A 163 2.16 4.83 -22.51
N VAL A 164 3.24 4.14 -22.89
CA VAL A 164 3.91 4.34 -24.21
C VAL A 164 4.07 3.00 -24.94
N ALA A 165 3.75 2.99 -26.22
CA ALA A 165 3.90 1.82 -27.13
C ALA A 165 5.26 1.95 -27.81
N ALA A 166 6.21 1.09 -27.42
CA ALA A 166 7.60 1.10 -27.95
C ALA A 166 7.74 0.03 -29.02
N PRO A 167 8.20 0.40 -30.24
CA PRO A 167 8.49 -0.60 -31.26
C PRO A 167 9.74 -1.37 -30.84
N LEU A 168 9.85 -2.61 -31.30
CA LEU A 168 10.99 -3.47 -30.92
C LEU A 168 12.32 -2.84 -31.32
N PHE A 169 12.45 -2.22 -32.51
CA PHE A 169 13.79 -1.69 -32.94
C PHE A 169 14.31 -0.67 -31.93
N GLU A 170 13.43 0.05 -31.27
CA GLU A 170 13.85 1.12 -30.31
C GLU A 170 14.41 0.48 -29.03
N LEU A 171 13.89 -0.69 -28.65
CA LEU A 171 14.41 -1.43 -27.47
C LEU A 171 15.76 -2.06 -27.78
N TYR A 172 15.90 -2.64 -28.97
CA TYR A 172 17.02 -3.54 -29.33
C TYR A 172 18.39 -2.84 -29.15
N ASP A 173 19.28 -3.51 -28.42
CA ASP A 173 20.66 -3.04 -28.07
C ASP A 173 20.61 -1.61 -27.51
N ASN A 174 19.62 -1.30 -26.65
CA ASN A 174 19.50 0.02 -25.96
C ASN A 174 19.36 -0.14 -24.44
N ALA A 175 20.32 -0.78 -23.76
CA ALA A 175 20.31 -0.97 -22.28
C ALA A 175 20.43 0.36 -21.57
N PRO A 176 21.28 1.32 -22.05
CA PRO A 176 21.32 2.67 -21.46
C PRO A 176 19.93 3.30 -21.39
N GLY A 177 19.16 3.22 -22.47
CA GLY A 177 17.80 3.79 -22.47
C GLY A 177 16.85 3.01 -21.56
N TYR A 178 16.97 1.67 -21.52
CA TYR A 178 15.88 0.80 -21.01
C TYR A 178 16.37 -0.20 -19.97
N GLY A 179 17.68 -0.39 -19.84
CA GLY A 179 18.26 -1.42 -18.95
C GLY A 179 18.23 -2.82 -19.57
N PRO A 180 18.84 -3.81 -18.90
CA PRO A 180 19.16 -5.10 -19.53
C PRO A 180 17.96 -6.04 -19.75
N ILE A 181 16.84 -5.85 -19.04
CA ILE A 181 15.64 -6.74 -19.16
C ILE A 181 14.78 -6.27 -20.34
N ILE A 182 14.40 -4.99 -20.35
CA ILE A 182 13.52 -4.44 -21.42
C ILE A 182 14.28 -4.45 -22.77
N SER A 183 15.58 -4.14 -22.81
CA SER A 183 16.42 -4.09 -24.04
C SER A 183 16.54 -5.48 -24.68
N SER A 184 16.32 -6.57 -23.93
CA SER A 184 16.43 -7.94 -24.51
C SER A 184 15.03 -8.52 -24.81
N LEU A 185 13.95 -7.74 -24.72
CA LEU A 185 12.60 -8.20 -25.11
C LEU A 185 12.55 -8.58 -26.59
N PRO A 186 13.18 -7.84 -27.55
CA PRO A 186 13.15 -8.25 -28.94
C PRO A 186 13.62 -9.72 -29.13
N GLN A 187 14.77 -10.08 -28.56
CA GLN A 187 15.29 -11.49 -28.62
C GLN A 187 14.27 -12.45 -27.98
N LEU A 188 13.74 -12.12 -26.76
CA LEU A 188 12.82 -12.99 -26.00
C LEU A 188 11.47 -13.15 -26.72
N LEU A 189 11.05 -12.21 -27.56
CA LEU A 189 9.74 -12.28 -28.27
C LEU A 189 9.88 -12.94 -29.65
N SER A 190 11.09 -13.15 -30.16
CA SER A 190 11.32 -13.58 -31.57
C SER A 190 10.74 -14.98 -31.83
N ARG A 191 10.58 -15.80 -30.80
CA ARG A 191 10.11 -17.20 -30.96
C ARG A 191 8.60 -17.24 -31.22
N PHE A 192 7.86 -16.17 -30.96
CA PHE A 192 6.38 -16.21 -31.08
C PHE A 192 5.98 -16.01 -32.55
N ASN A 193 4.90 -16.65 -32.94
CA ASN A 193 4.21 -16.44 -34.25
C ASN A 193 3.09 -15.42 -34.02
N PHE A 194 3.32 -14.14 -34.27
CA PHE A 194 2.28 -13.11 -34.03
C PHE A 194 1.28 -13.09 -35.20
N ILE A 195 -0.02 -13.04 -34.89
CA ILE A 195 -1.13 -12.79 -35.86
C ILE A 195 -1.52 -11.30 -35.75
N TYR A 196 -1.50 -10.55 -36.86
CA TYR A 196 -1.79 -9.10 -36.87
C TYR A 196 -3.24 -8.96 -37.26
N ASN A 197 -4.13 -8.78 -36.27
CA ASN A 197 -5.60 -8.75 -36.49
C ASN A 197 -6.08 -7.32 -36.77
N GLU B 4 2.05 -15.92 21.07
CA GLU B 4 1.21 -14.69 21.21
C GLU B 4 2.12 -13.47 21.28
N ARG B 5 1.77 -12.36 20.61
CA ARG B 5 2.58 -11.12 20.72
C ARG B 5 2.59 -10.65 22.18
N THR B 6 3.78 -10.40 22.73
CA THR B 6 3.98 -9.93 24.13
C THR B 6 4.12 -8.40 24.14
N ILE B 7 3.29 -7.72 24.95
CA ILE B 7 3.29 -6.21 25.04
C ILE B 7 3.51 -5.74 26.48
N ASN B 8 4.56 -4.95 26.71
CA ASN B 8 4.81 -4.31 28.04
C ASN B 8 3.79 -3.17 28.27
N LEU B 9 3.03 -3.24 29.37
CA LEU B 9 2.26 -2.07 29.91
C LEU B 9 2.94 -1.55 31.18
N TYR B 10 2.76 -0.25 31.43
CA TYR B 10 3.22 0.46 32.63
C TYR B 10 2.09 1.23 33.28
N PRO B 11 2.22 1.52 34.59
CA PRO B 11 1.20 2.26 35.32
C PRO B 11 0.85 3.61 34.71
N LEU B 12 -0.41 4.01 34.78
CA LEU B 12 -0.84 5.34 34.31
C LEU B 12 -0.01 6.45 34.98
N THR B 13 0.37 6.28 36.25
CA THR B 13 1.15 7.32 36.99
C THR B 13 2.61 7.44 36.52
N ASN B 14 3.08 6.54 35.64
CA ASN B 14 4.41 6.66 34.99
C ASN B 14 4.41 7.77 33.94
N TYR B 15 3.22 8.24 33.52
CA TYR B 15 3.10 9.25 32.42
C TYR B 15 2.72 10.61 33.01
N THR B 16 3.25 11.67 32.43
CA THR B 16 2.97 13.08 32.78
C THR B 16 2.11 13.68 31.68
N PHE B 17 0.96 14.26 32.03
CA PHE B 17 -0.02 14.83 31.08
C PHE B 17 0.08 16.35 31.13
N GLY B 18 0.91 16.94 30.28
CA GLY B 18 1.04 18.41 30.14
C GLY B 18 -0.08 18.97 29.27
N THR B 19 -0.08 20.29 29.05
CA THR B 19 -1.08 20.97 28.18
C THR B 19 -0.32 21.87 27.21
N LYS B 20 -0.89 22.08 26.02
CA LYS B 20 -0.43 23.08 25.02
C LYS B 20 -1.63 23.76 24.37
N GLU B 21 -1.37 24.56 23.33
CA GLU B 21 -2.37 25.43 22.65
C GLU B 21 -3.43 24.52 22.02
N PRO B 22 -4.68 25.02 21.88
CA PRO B 22 -5.78 24.20 21.37
C PRO B 22 -5.49 23.80 19.93
N LEU B 23 -6.06 22.66 19.51
CA LEU B 23 -5.92 22.09 18.14
C LEU B 23 -7.34 21.87 17.63
N TYR B 24 -7.70 22.54 16.52
CA TYR B 24 -9.07 22.56 15.95
C TYR B 24 -9.09 21.69 14.68
N GLU B 25 -10.22 21.03 14.42
CA GLU B 25 -10.44 20.18 13.23
C GLU B 25 -10.45 21.08 11.97
N LYS B 26 -9.90 20.60 10.84
CA LYS B 26 -9.92 21.28 9.51
C LYS B 26 -11.37 21.55 9.06
N ASP B 27 -12.32 20.66 9.39
CA ASP B 27 -13.76 20.72 8.97
C ASP B 27 -14.64 21.25 10.10
N SER B 28 -15.49 22.25 9.81
CA SER B 28 -16.35 22.97 10.79
C SER B 28 -17.71 22.28 11.00
N SER B 29 -18.10 21.33 10.13
CA SER B 29 -19.47 20.76 10.08
C SER B 29 -19.45 19.37 9.42
N VAL B 30 -20.39 18.49 9.81
CA VAL B 30 -20.68 17.17 9.15
C VAL B 30 -20.76 17.41 7.64
N ALA B 31 -21.38 18.52 7.22
CA ALA B 31 -21.63 18.86 5.80
C ALA B 31 -20.33 19.26 5.10
N ALA B 32 -19.48 20.09 5.73
CA ALA B 32 -18.15 20.49 5.18
C ALA B 32 -17.20 19.28 5.18
N ARG B 33 -17.43 18.31 6.07
CA ARG B 33 -16.60 17.09 6.18
C ARG B 33 -16.72 16.30 4.87
N PHE B 34 -17.95 15.96 4.48
CA PHE B 34 -18.28 15.15 3.28
C PHE B 34 -18.07 15.98 2.00
N GLN B 35 -18.13 17.32 2.04
CA GLN B 35 -17.76 18.17 0.87
C GLN B 35 -16.27 18.05 0.59
N ARG B 36 -15.41 18.19 1.61
CA ARG B 36 -13.92 18.11 1.43
C ARG B 36 -13.56 16.69 0.99
N MET B 37 -14.27 15.68 1.50
CA MET B 37 -13.99 14.25 1.18
C MET B 37 -14.20 14.06 -0.33
N ARG B 38 -15.32 14.57 -0.88
CA ARG B 38 -15.66 14.56 -2.33
C ARG B 38 -14.57 15.26 -3.16
N GLU B 39 -14.28 16.52 -2.85
CA GLU B 39 -13.28 17.37 -3.53
C GLU B 39 -11.95 16.61 -3.61
N GLU B 40 -11.50 16.07 -2.47
CA GLU B 40 -10.20 15.39 -2.36
C GLU B 40 -10.28 14.04 -3.08
N PHE B 41 -11.40 13.32 -2.97
CA PHE B 41 -11.56 12.00 -3.62
C PHE B 41 -11.31 12.18 -5.14
N ASP B 42 -11.83 13.26 -5.71
CA ASP B 42 -11.73 13.56 -7.17
C ASP B 42 -10.28 13.79 -7.59
N LYS B 43 -9.48 14.43 -6.73
CA LYS B 43 -8.07 14.81 -7.01
C LYS B 43 -7.12 13.63 -6.74
N ILE B 44 -7.15 13.04 -5.55
CA ILE B 44 -6.08 12.09 -5.09
C ILE B 44 -6.68 10.72 -4.74
N GLY B 45 -8.00 10.55 -4.84
CA GLY B 45 -8.65 9.23 -4.65
C GLY B 45 -8.94 8.94 -3.18
N MET B 46 -8.97 7.65 -2.82
CA MET B 46 -9.43 7.17 -1.47
C MET B 46 -8.69 7.90 -0.34
N ARG B 47 -9.41 8.51 0.60
CA ARG B 47 -8.79 9.04 1.84
C ARG B 47 -8.11 7.91 2.62
N ARG B 48 -6.89 8.13 3.12
CA ARG B 48 -6.16 7.15 3.97
C ARG B 48 -5.98 7.75 5.37
N THR B 49 -6.64 7.18 6.38
N THR B 49 -6.60 7.15 6.38
CA THR B 49 -6.51 7.56 7.82
CA THR B 49 -6.53 7.55 7.81
C THR B 49 -5.76 6.48 8.63
C THR B 49 -5.74 6.49 8.61
N VAL B 50 -5.04 6.93 9.66
CA VAL B 50 -4.33 6.02 10.60
C VAL B 50 -4.67 6.47 12.02
N GLU B 51 -4.87 5.51 12.90
CA GLU B 51 -5.17 5.75 14.33
C GLU B 51 -4.24 4.93 15.22
N GLY B 52 -3.79 5.54 16.32
CA GLY B 52 -2.90 4.90 17.30
C GLY B 52 -3.63 4.49 18.58
N VAL B 53 -3.40 3.25 19.01
CA VAL B 53 -3.98 2.67 20.26
C VAL B 53 -2.85 2.56 21.29
N LEU B 54 -2.95 3.37 22.34
CA LEU B 54 -1.94 3.54 23.41
C LEU B 54 -2.53 2.94 24.66
N ILE B 55 -1.84 2.02 25.30
CA ILE B 55 -2.41 1.22 26.42
C ILE B 55 -1.54 1.44 27.67
N VAL B 56 -2.20 1.61 28.82
CA VAL B 56 -1.51 1.70 30.14
C VAL B 56 -2.21 0.68 31.02
N HIS B 57 -1.79 0.54 32.28
CA HIS B 57 -2.61 -0.24 33.23
C HIS B 57 -2.78 0.56 34.50
N GLU B 58 -3.84 0.27 35.24
N GLU B 58 -3.85 0.23 35.22
CA GLU B 58 -3.94 0.67 36.67
CA GLU B 58 -4.07 0.52 36.66
C GLU B 58 -4.81 -0.38 37.35
C GLU B 58 -4.62 -0.76 37.30
N HIS B 59 -4.22 -1.07 38.33
N HIS B 59 -4.20 -1.07 38.52
CA HIS B 59 -4.82 -2.21 39.09
CA HIS B 59 -4.61 -2.29 39.28
C HIS B 59 -4.66 -3.51 38.29
C HIS B 59 -4.63 -3.50 38.33
N ARG B 60 -3.65 -3.59 37.42
CA ARG B 60 -3.49 -4.74 36.47
C ARG B 60 -4.69 -4.85 35.52
N LEU B 61 -5.40 -3.75 35.22
CA LEU B 61 -6.44 -3.71 34.14
C LEU B 61 -5.95 -2.86 32.98
N PRO B 62 -6.01 -3.35 31.73
CA PRO B 62 -5.60 -2.52 30.60
C PRO B 62 -6.60 -1.38 30.41
N HIS B 63 -6.07 -0.19 30.16
CA HIS B 63 -6.85 1.03 29.81
C HIS B 63 -6.35 1.57 28.48
N VAL B 64 -7.27 2.02 27.62
CA VAL B 64 -6.89 2.74 26.35
C VAL B 64 -6.92 4.25 26.58
N LEU B 65 -5.89 4.97 26.12
CA LEU B 65 -5.85 6.46 26.15
C LEU B 65 -6.74 7.03 25.03
N LEU B 66 -7.77 7.82 25.40
CA LEU B 66 -8.72 8.49 24.47
C LEU B 66 -8.66 10.00 24.64
N LEU B 67 -8.87 10.72 23.54
CA LEU B 67 -9.05 12.20 23.52
C LEU B 67 -10.54 12.50 23.70
N GLN B 68 -10.91 13.20 24.77
CA GLN B 68 -12.31 13.57 25.09
C GLN B 68 -12.55 15.02 24.67
N LEU B 69 -13.63 15.25 23.91
CA LEU B 69 -14.11 16.59 23.48
C LEU B 69 -15.49 16.81 24.11
N GLY B 70 -15.59 17.79 25.02
CA GLY B 70 -16.83 18.08 25.79
C GLY B 70 -17.05 17.06 26.88
N THR B 71 -18.27 16.50 26.96
CA THR B 71 -18.65 15.44 27.94
C THR B 71 -18.76 14.09 27.22
N THR B 72 -19.23 14.07 25.96
CA THR B 72 -19.73 12.85 25.29
C THR B 72 -18.90 12.40 24.08
N PHE B 73 -18.00 13.20 23.52
CA PHE B 73 -17.30 12.86 22.25
C PHE B 73 -15.88 12.36 22.56
N PHE B 74 -15.50 11.24 21.93
CA PHE B 74 -14.23 10.52 22.18
C PHE B 74 -13.57 10.15 20.84
N LYS B 75 -12.25 10.30 20.74
CA LYS B 75 -11.55 9.85 19.50
C LYS B 75 -10.17 9.32 19.84
N LEU B 76 -9.62 8.49 18.94
CA LEU B 76 -8.21 8.06 19.02
C LEU B 76 -7.32 9.16 18.46
N PRO B 77 -6.08 9.26 18.94
CA PRO B 77 -5.09 10.10 18.27
C PRO B 77 -4.78 9.52 16.87
N GLY B 78 -4.79 10.38 15.86
CA GLY B 78 -4.45 10.04 14.46
C GLY B 78 -4.94 11.10 13.50
N GLY B 79 -5.18 10.76 12.22
CA GLY B 79 -5.61 11.71 11.17
C GLY B 79 -5.26 11.24 9.75
N GLU B 80 -5.15 12.17 8.80
CA GLU B 80 -5.06 11.89 7.35
C GLU B 80 -3.58 11.77 6.95
N LEU B 81 -3.25 10.78 6.12
CA LEU B 81 -1.92 10.67 5.48
C LEU B 81 -1.85 11.66 4.31
N ASN B 82 -0.67 12.22 4.08
CA ASN B 82 -0.35 13.04 2.88
C ASN B 82 -0.21 12.09 1.69
N PRO B 83 -0.39 12.60 0.44
CA PRO B 83 -0.23 11.76 -0.76
C PRO B 83 1.08 10.95 -0.77
N GLY B 84 1.03 9.63 -0.91
CA GLY B 84 2.22 8.78 -1.01
C GLY B 84 2.97 8.56 0.30
N GLU B 85 2.48 9.07 1.43
CA GLU B 85 3.19 8.98 2.74
C GLU B 85 3.07 7.56 3.32
N ASP B 86 4.15 7.03 3.90
CA ASP B 86 4.14 5.68 4.51
C ASP B 86 3.19 5.72 5.72
N GLU B 87 2.37 4.67 5.90
CA GLU B 87 1.34 4.57 6.98
C GLU B 87 2.00 4.77 8.36
N VAL B 88 3.07 4.03 8.63
CA VAL B 88 3.75 4.05 9.98
C VAL B 88 4.44 5.40 10.17
N GLU B 89 5.19 5.93 9.18
CA GLU B 89 5.83 7.27 9.36
C GLU B 89 4.76 8.35 9.51
N GLY B 90 3.63 8.26 8.81
CA GLY B 90 2.52 9.23 8.94
C GLY B 90 1.86 9.16 10.32
N LEU B 91 1.59 7.95 10.86
CA LEU B 91 1.04 7.88 12.26
C LEU B 91 2.05 8.53 13.24
N LYS B 92 3.35 8.27 13.13
CA LYS B 92 4.38 8.88 14.02
C LYS B 92 4.31 10.41 13.91
N ARG B 93 4.23 10.96 12.70
CA ARG B 93 4.06 12.44 12.50
C ARG B 93 2.80 12.96 13.20
N LEU B 94 1.66 12.27 13.07
CA LEU B 94 0.38 12.76 13.64
C LEU B 94 0.39 12.69 15.18
N MET B 95 0.96 11.62 15.75
N MET B 95 0.99 11.64 15.75
CA MET B 95 1.07 11.42 17.22
CA MET B 95 1.08 11.43 17.23
C MET B 95 1.91 12.57 17.82
C MET B 95 1.93 12.55 17.84
N THR B 96 3.01 12.95 17.16
CA THR B 96 3.88 14.08 17.61
C THR B 96 3.10 15.40 17.46
N GLU B 97 2.36 15.60 16.37
CA GLU B 97 1.51 16.80 16.16
C GLU B 97 0.52 16.94 17.32
N ILE B 98 -0.12 15.85 17.74
CA ILE B 98 -1.25 15.91 18.72
C ILE B 98 -0.68 15.92 20.15
N LEU B 99 0.30 15.07 20.48
CA LEU B 99 0.71 14.81 21.90
C LEU B 99 2.16 15.16 22.17
N GLY B 100 2.94 15.57 21.16
CA GLY B 100 4.38 15.85 21.33
C GLY B 100 4.60 17.23 21.93
N ARG B 101 5.46 17.28 22.96
CA ARG B 101 5.93 18.53 23.66
C ARG B 101 6.45 19.48 22.59
N LEU B 106 13.38 13.97 20.91
CA LEU B 106 12.00 13.91 20.49
C LEU B 106 11.40 12.55 20.90
N GLN B 107 10.09 12.53 21.21
CA GLN B 107 9.33 11.28 21.47
C GLN B 107 9.33 10.45 20.19
N ASP B 108 10.03 9.30 20.20
CA ASP B 108 10.02 8.33 19.08
C ASP B 108 9.09 7.17 19.47
N TRP B 109 8.03 6.98 18.69
CA TRP B 109 6.96 6.00 18.97
C TRP B 109 7.36 4.62 18.43
N VAL B 110 7.06 3.53 19.13
CA VAL B 110 7.32 2.17 18.60
C VAL B 110 5.98 1.64 18.06
N ILE B 111 5.89 1.40 16.75
CA ILE B 111 4.63 0.96 16.07
C ILE B 111 4.93 -0.29 15.26
N ASP B 112 4.67 -1.49 15.79
CA ASP B 112 4.95 -2.77 15.07
C ASP B 112 3.70 -3.66 14.86
N ASP B 113 2.47 -3.27 15.21
CA ASP B 113 1.31 -4.19 15.08
C ASP B 113 0.10 -3.47 14.46
N CYS B 114 -0.44 -4.01 13.37
CA CYS B 114 -1.77 -3.64 12.80
C CYS B 114 -2.85 -4.39 13.56
N ILE B 115 -3.79 -3.67 14.19
CA ILE B 115 -4.91 -4.13 15.06
C ILE B 115 -6.12 -4.44 14.17
N GLY B 116 -6.38 -3.64 13.11
CA GLY B 116 -7.61 -3.71 12.34
C GLY B 116 -7.71 -2.69 11.21
N ASN B 117 -8.74 -2.85 10.39
CA ASN B 117 -9.03 -1.99 9.22
C ASN B 117 -10.53 -1.66 9.17
N TRP B 118 -10.88 -0.42 8.84
CA TRP B 118 -12.28 0.00 8.63
C TRP B 118 -12.39 0.71 7.28
N TRP B 119 -13.51 0.47 6.59
CA TRP B 119 -13.77 1.05 5.24
C TRP B 119 -15.09 1.85 5.20
N ARG B 120 -15.05 2.98 4.51
CA ARG B 120 -16.24 3.87 4.29
C ARG B 120 -16.70 3.73 2.84
N PRO B 121 -17.83 3.06 2.54
CA PRO B 121 -18.24 2.84 1.17
C PRO B 121 -18.75 4.10 0.45
N ASN B 122 -19.41 5.03 1.17
CA ASN B 122 -20.05 6.23 0.54
C ASN B 122 -19.54 7.49 1.23
N PHE B 123 -19.94 8.66 0.72
CA PHE B 123 -19.70 9.99 1.34
C PHE B 123 -20.74 10.22 2.46
N GLU B 124 -20.81 9.27 3.40
CA GLU B 124 -21.80 9.17 4.52
C GLU B 124 -21.09 8.59 5.75
N PRO B 125 -21.68 8.72 6.96
CA PRO B 125 -21.04 8.25 8.20
C PRO B 125 -20.73 6.76 8.33
N PRO B 126 -21.53 5.81 7.81
CA PRO B 126 -21.27 4.40 8.06
C PRO B 126 -19.86 3.92 7.65
N GLN B 127 -19.23 3.18 8.56
CA GLN B 127 -17.93 2.49 8.34
C GLN B 127 -18.07 1.01 8.73
N TYR B 128 -17.35 0.11 8.04
CA TYR B 128 -17.48 -1.35 8.19
C TYR B 128 -16.09 -1.98 8.31
N PRO B 129 -15.92 -3.07 9.10
CA PRO B 129 -14.62 -3.74 9.26
C PRO B 129 -14.33 -4.76 8.17
N TYR B 130 -14.82 -4.48 6.97
CA TYR B 130 -14.75 -5.32 5.75
C TYR B 130 -15.08 -4.40 4.56
N ILE B 131 -14.60 -4.75 3.37
CA ILE B 131 -14.99 -4.05 2.10
C ILE B 131 -16.34 -4.61 1.66
N PRO B 132 -17.46 -3.84 1.69
CA PRO B 132 -18.76 -4.41 1.36
C PRO B 132 -18.88 -4.88 -0.10
N ALA B 133 -19.84 -5.77 -0.34
CA ALA B 133 -20.13 -6.43 -1.63
C ALA B 133 -20.25 -5.38 -2.75
N HIS B 134 -19.50 -5.55 -3.85
CA HIS B 134 -19.55 -4.71 -5.08
C HIS B 134 -19.11 -3.28 -4.81
N ILE B 135 -18.45 -3.00 -3.69
CA ILE B 135 -17.85 -1.65 -3.45
C ILE B 135 -16.40 -1.70 -3.95
N THR B 136 -16.17 -1.23 -5.16
CA THR B 136 -14.85 -1.36 -5.80
C THR B 136 -14.06 -0.10 -5.51
N LYS B 137 -14.71 1.02 -5.23
CA LYS B 137 -14.04 2.31 -4.95
C LYS B 137 -14.43 2.85 -3.57
N PRO B 138 -13.97 2.30 -2.42
CA PRO B 138 -14.37 2.89 -1.13
C PRO B 138 -13.81 4.31 -1.01
N LYS B 139 -14.49 5.20 -0.27
CA LYS B 139 -14.15 6.64 -0.14
C LYS B 139 -13.06 6.86 0.94
N GLU B 140 -12.93 5.97 1.90
CA GLU B 140 -11.93 6.10 2.98
C GLU B 140 -11.50 4.72 3.48
N HIS B 141 -10.20 4.58 3.74
CA HIS B 141 -9.61 3.40 4.39
C HIS B 141 -8.92 3.83 5.68
N LYS B 142 -9.34 3.28 6.81
CA LYS B 142 -8.76 3.63 8.13
C LYS B 142 -8.03 2.39 8.68
N LYS B 143 -6.77 2.55 9.10
CA LYS B 143 -5.96 1.45 9.68
C LYS B 143 -5.61 1.79 11.13
N LEU B 144 -5.81 0.82 12.02
CA LEU B 144 -5.55 0.96 13.48
C LEU B 144 -4.20 0.26 13.77
N PHE B 145 -3.33 0.88 14.57
CA PHE B 145 -2.02 0.36 15.00
C PHE B 145 -1.93 0.37 16.54
N LEU B 146 -1.33 -0.67 17.11
CA LEU B 146 -0.93 -0.68 18.57
C LEU B 146 0.37 0.10 18.72
N VAL B 147 0.37 1.15 19.53
CA VAL B 147 1.58 2.01 19.74
C VAL B 147 2.15 1.58 21.10
N GLN B 148 3.33 0.96 21.12
CA GLN B 148 3.98 0.54 22.39
C GLN B 148 4.60 1.77 23.07
N LEU B 149 4.30 1.99 24.35
CA LEU B 149 4.83 3.15 25.10
C LEU B 149 6.12 2.78 25.84
N GLN B 150 7.01 3.74 25.99
CA GLN B 150 8.22 3.61 26.85
C GLN B 150 7.77 3.57 28.31
N GLU B 151 8.65 3.12 29.20
CA GLU B 151 8.31 3.00 30.64
C GLU B 151 7.80 4.35 31.21
N LYS B 152 8.32 5.48 30.73
CA LYS B 152 7.94 6.86 31.13
C LYS B 152 7.88 7.75 29.90
N ALA B 153 6.88 8.63 29.84
CA ALA B 153 6.77 9.66 28.79
C ALA B 153 6.02 10.90 29.32
N LEU B 154 6.30 12.04 28.71
CA LEU B 154 5.60 13.33 28.92
C LEU B 154 4.70 13.56 27.69
N PHE B 155 3.39 13.73 27.89
CA PHE B 155 2.44 14.06 26.79
C PHE B 155 1.99 15.52 26.94
N ALA B 156 1.99 16.27 25.84
CA ALA B 156 1.52 17.67 25.79
C ALA B 156 0.15 17.68 25.12
N VAL B 157 -0.91 17.78 25.92
CA VAL B 157 -2.32 17.57 25.47
C VAL B 157 -2.92 18.92 25.07
N PRO B 158 -3.42 19.10 23.81
CA PRO B 158 -4.06 20.35 23.41
C PRO B 158 -5.19 20.73 24.37
N LYS B 159 -5.22 22.01 24.73
CA LYS B 159 -6.04 22.60 25.83
C LYS B 159 -7.52 22.23 25.67
N ASN B 160 -8.01 22.14 24.44
CA ASN B 160 -9.46 21.91 24.19
C ASN B 160 -9.81 20.42 24.34
N TYR B 161 -8.82 19.57 24.57
CA TYR B 161 -9.05 18.12 24.82
C TYR B 161 -8.62 17.76 26.24
N LYS B 162 -9.19 16.68 26.79
CA LYS B 162 -8.63 15.90 27.93
C LYS B 162 -8.24 14.50 27.43
N LEU B 163 -7.05 14.00 27.81
CA LEU B 163 -6.63 12.59 27.57
C LEU B 163 -7.14 11.76 28.74
N VAL B 164 -8.03 10.78 28.50
CA VAL B 164 -8.62 9.91 29.56
C VAL B 164 -8.20 8.46 29.35
N ALA B 165 -7.93 7.77 30.44
CA ALA B 165 -7.57 6.35 30.47
C ALA B 165 -8.87 5.54 30.67
N ALA B 166 -9.39 4.92 29.61
CA ALA B 166 -10.65 4.16 29.65
C ALA B 166 -10.37 2.68 29.82
N PRO B 167 -10.89 2.05 30.90
CA PRO B 167 -10.72 0.60 31.07
C PRO B 167 -11.52 -0.15 29.98
N LEU B 168 -11.00 -1.31 29.55
CA LEU B 168 -11.63 -2.14 28.49
C LEU B 168 -13.09 -2.44 28.82
N PHE B 169 -13.45 -2.69 30.08
CA PHE B 169 -14.85 -3.07 30.42
C PHE B 169 -15.83 -1.96 30.10
N GLU B 170 -15.41 -0.69 30.18
CA GLU B 170 -16.25 0.49 29.88
C GLU B 170 -16.52 0.57 28.37
N LEU B 171 -15.52 0.27 27.54
CA LEU B 171 -15.64 0.31 26.06
C LEU B 171 -16.61 -0.80 25.63
N TYR B 172 -16.40 -2.04 26.10
CA TYR B 172 -17.28 -3.21 25.77
C TYR B 172 -18.72 -2.75 25.99
N ASP B 173 -19.04 -2.13 27.13
CA ASP B 173 -20.02 -2.61 28.09
C ASP B 173 -21.10 -1.54 27.89
N ASN B 174 -20.62 -0.40 27.40
CA ASN B 174 -21.36 0.83 27.05
C ASN B 174 -21.00 1.22 25.61
N ALA B 175 -21.10 0.26 24.68
CA ALA B 175 -20.66 0.35 23.26
C ALA B 175 -21.26 1.58 22.58
N PRO B 176 -22.59 1.83 22.70
CA PRO B 176 -23.22 2.94 21.98
C PRO B 176 -22.56 4.31 22.26
N GLY B 177 -21.96 4.47 23.45
CA GLY B 177 -21.32 5.73 23.90
C GLY B 177 -20.01 6.02 23.18
N TYR B 178 -19.36 4.99 22.63
CA TYR B 178 -18.01 5.13 22.02
C TYR B 178 -18.00 4.99 20.49
N GLY B 179 -19.07 4.47 19.89
CA GLY B 179 -19.09 4.22 18.43
C GLY B 179 -18.47 2.86 18.11
N PRO B 180 -18.68 2.32 16.89
CA PRO B 180 -18.28 0.94 16.58
C PRO B 180 -16.78 0.62 16.57
N ILE B 181 -15.93 1.60 16.26
CA ILE B 181 -14.46 1.40 16.21
C ILE B 181 -13.90 1.30 17.64
N ILE B 182 -14.15 2.29 18.49
CA ILE B 182 -13.56 2.33 19.86
C ILE B 182 -14.18 1.20 20.69
N SER B 183 -15.48 0.92 20.53
CA SER B 183 -16.18 -0.08 21.36
C SER B 183 -15.72 -1.50 21.01
N SER B 184 -15.08 -1.76 19.85
CA SER B 184 -14.58 -3.11 19.51
C SER B 184 -13.05 -3.28 19.75
N LEU B 185 -12.39 -2.27 20.36
CA LEU B 185 -10.98 -2.39 20.80
C LEU B 185 -10.79 -3.54 21.79
N PRO B 186 -11.66 -3.82 22.79
CA PRO B 186 -11.41 -4.97 23.67
C PRO B 186 -11.23 -6.28 22.88
N GLN B 187 -12.12 -6.55 21.91
CA GLN B 187 -12.03 -7.76 21.04
C GLN B 187 -10.65 -7.75 20.32
N LEU B 188 -10.26 -6.63 19.70
CA LEU B 188 -9.02 -6.50 18.89
C LEU B 188 -7.76 -6.62 19.76
N LEU B 189 -7.83 -6.30 21.05
CA LEU B 189 -6.67 -6.38 21.96
C LEU B 189 -6.61 -7.75 22.66
N SER B 190 -7.67 -8.58 22.61
CA SER B 190 -7.74 -9.81 23.43
C SER B 190 -6.61 -10.79 23.07
N ARG B 191 -6.11 -10.77 21.82
CA ARG B 191 -5.06 -11.74 21.39
C ARG B 191 -3.69 -11.42 22.08
N PHE B 192 -3.49 -10.25 22.66
CA PHE B 192 -2.13 -9.84 23.13
C PHE B 192 -1.86 -10.38 24.54
N ASN B 193 -0.63 -10.84 24.76
CA ASN B 193 -0.10 -11.22 26.09
C ASN B 193 0.45 -9.95 26.74
N PHE B 194 -0.35 -9.30 27.60
CA PHE B 194 0.04 -8.06 28.32
C PHE B 194 0.91 -8.41 29.54
N ILE B 195 2.04 -7.70 29.70
CA ILE B 195 2.91 -7.72 30.92
C ILE B 195 2.60 -6.47 31.73
N TYR B 196 2.26 -6.63 33.02
CA TYR B 196 1.88 -5.52 33.95
C TYR B 196 3.13 -5.14 34.77
N ASN B 197 3.83 -4.10 34.33
CA ASN B 197 5.09 -3.65 34.97
C ASN B 197 4.78 -2.72 36.13
ZN ZN C . 15.25 -18.48 -7.94
ZN ZN D . -2.46 -0.81 -41.54
C ACT E . 8.11 -17.14 -37.59
O ACT E . 7.96 -16.54 -36.48
OXT ACT E . 7.17 -17.70 -38.20
CH3 ACT E . 9.49 -17.17 -38.23
N1 RVY F . 3.78 -0.40 -8.90
N3 RVY F . 3.32 0.06 -6.82
C4 RVY F . 3.40 -1.33 -6.94
C5 RVY F . 3.69 -1.64 -8.25
C6 RVY F . 4.08 -0.16 -10.29
C7 RVY F . 3.51 0.95 -10.93
C8 RVY F . 3.68 1.10 -12.30
C10 RVY F . 4.99 -0.95 -12.38
C13 RVY F . 5.70 -2.77 -5.54
N RVY F . 4.87 -0.85 -4.47
C RVY F . 6.14 -0.51 -4.95
O RVY F . 6.66 0.58 -4.80
C1 RVY F . 4.46 -2.22 -4.82
C11 RVY F . 4.84 -1.11 -11.00
C12 RVY F . 6.75 -1.70 -5.67
C2 RVY F . 4.16 -3.07 -3.56
C3 RVY F . 3.26 -2.27 -5.81
C9 RVY F . 4.41 0.15 -13.03
N2 RVY F . 3.54 0.60 -7.96
O1 RVY F . 5.81 -3.91 -5.93
ZN ZN G . -9.18 2.44 35.97
ZN ZN H . -23.36 -9.76 -5.48
ZN ZN I . -22.30 -6.19 -10.75
ZN ZN J . -8.56 -0.89 1.34
#